data_5BOI
#
_entry.id   5BOI
#
_cell.length_a   53.208
_cell.length_b   110.104
_cell.length_c   85.806
_cell.angle_alpha   90.00
_cell.angle_beta   90.00
_cell.angle_gamma   90.00
#
_symmetry.space_group_name_H-M   'C 2 2 21'
#
loop_
_entity.id
_entity.type
_entity.pdbx_description
1 polymer 'Germination protein YpeB'
2 non-polymer 'SULFATE ION'
3 water water
#
_entity_poly.entity_id   1
_entity_poly.type   'polypeptide(L)'
_entity_poly.pdbx_seq_one_letter_code
;MGGGFAGREVSEDVAKQVARSFLNLKGNEQIHIVKSGKDADYEVYSLTITDPKTNQETYMDITQKGGYPLWVLEDRDIKK
QNISLNDAMNKATKFLKDHRFESLVMAESAQYDNMGVFTFVEQTESGVRIYPDSVKMKMSLEDGSVIGFSAKDFLLKHRT
RDIPKPKISKEQAKTKLNSNVKVMEERLAIITNDLNEEVLCYEFLGTIKNDTYRIFINADTGFEEKVEKLQNSEPLYNEV
ENLYFQ
;
_entity_poly.pdbx_strand_id   A
#
loop_
_chem_comp.id
_chem_comp.type
_chem_comp.name
_chem_comp.formula
SO4 non-polymer 'SULFATE ION' 'O4 S -2'
#
# COMPACT_ATOMS: atom_id res chain seq x y z
N GLY A 7 -3.19 -7.71 -21.75
CA GLY A 7 -3.75 -8.45 -20.63
C GLY A 7 -3.82 -9.94 -20.88
N ARG A 8 -3.00 -10.42 -21.82
CA ARG A 8 -2.96 -11.84 -22.13
C ARG A 8 -2.10 -12.58 -21.11
N GLU A 9 -1.81 -13.84 -21.38
CA GLU A 9 -0.88 -14.58 -20.55
C GLU A 9 0.53 -14.16 -20.92
N VAL A 10 1.47 -14.38 -20.01
CA VAL A 10 2.87 -14.09 -20.29
C VAL A 10 3.72 -15.33 -20.02
N SER A 11 4.79 -15.50 -20.79
CA SER A 11 5.65 -16.66 -20.60
C SER A 11 6.71 -16.34 -19.56
N GLU A 12 7.30 -17.39 -19.00
CA GLU A 12 8.27 -17.28 -17.91
C GLU A 12 9.45 -16.38 -18.24
N ASP A 13 9.67 -16.15 -19.53
CA ASP A 13 10.74 -15.26 -19.99
C ASP A 13 10.30 -13.80 -19.86
N VAL A 14 9.01 -13.56 -20.07
CA VAL A 14 8.44 -12.22 -19.94
C VAL A 14 8.37 -11.80 -18.48
N ALA A 15 7.96 -12.72 -17.62
CA ALA A 15 7.89 -12.46 -16.18
C ALA A 15 9.27 -12.09 -15.63
N LYS A 16 10.32 -12.60 -16.29
CA LYS A 16 11.70 -12.28 -15.92
C LYS A 16 12.02 -10.81 -16.13
N GLN A 17 11.54 -10.25 -17.24
CA GLN A 17 11.89 -8.88 -17.61
C GLN A 17 11.12 -7.88 -16.76
N VAL A 18 9.91 -8.25 -16.35
CA VAL A 18 9.15 -7.44 -15.42
C VAL A 18 9.96 -7.25 -14.15
N ALA A 19 10.48 -8.36 -13.64
CA ALA A 19 11.28 -8.37 -12.42
C ALA A 19 12.51 -7.46 -12.52
N ARG A 20 13.27 -7.61 -13.60
CA ARG A 20 14.48 -6.81 -13.78
C ARG A 20 14.20 -5.31 -13.69
N SER A 21 13.13 -4.89 -14.37
CA SER A 21 12.72 -3.49 -14.40
C SER A 21 12.22 -2.98 -13.05
N PHE A 22 11.31 -3.73 -12.44
CA PHE A 22 10.70 -3.36 -11.16
C PHE A 22 11.72 -3.27 -10.02
N LEU A 23 12.70 -4.17 -10.04
CA LEU A 23 13.65 -4.31 -8.94
C LEU A 23 14.99 -3.68 -9.26
N ASN A 24 15.06 -3.08 -10.45
CA ASN A 24 16.26 -2.39 -10.89
C ASN A 24 17.47 -3.34 -10.90
N LEU A 25 17.28 -4.53 -11.45
CA LEU A 25 18.36 -5.50 -11.56
C LEU A 25 19.27 -5.17 -12.73
N LYS A 26 20.58 -5.32 -12.54
CA LYS A 26 21.54 -4.94 -13.57
C LYS A 26 21.90 -6.08 -14.53
N GLY A 27 21.72 -7.32 -14.10
CA GLY A 27 21.84 -8.44 -15.02
C GLY A 27 22.73 -9.60 -14.62
N ASN A 28 23.41 -9.50 -13.48
CA ASN A 28 24.24 -10.62 -13.02
C ASN A 28 23.47 -11.58 -12.12
N GLU A 29 22.20 -11.27 -11.90
CA GLU A 29 21.36 -12.06 -11.01
C GLU A 29 20.77 -13.29 -11.68
N GLN A 30 20.98 -14.45 -11.07
CA GLN A 30 20.28 -15.66 -11.49
C GLN A 30 18.84 -15.59 -10.99
N ILE A 31 17.89 -16.00 -11.82
CA ILE A 31 16.49 -16.01 -11.41
C ILE A 31 15.85 -17.39 -11.56
N HIS A 32 15.53 -18.01 -10.42
CA HIS A 32 14.82 -19.29 -10.39
C HIS A 32 13.32 -19.03 -10.39
N ILE A 33 12.63 -19.50 -11.43
CA ILE A 33 11.21 -19.20 -11.58
C ILE A 33 10.35 -20.46 -11.51
N VAL A 34 9.22 -20.36 -10.81
CA VAL A 34 8.31 -21.47 -10.57
C VAL A 34 6.89 -21.07 -10.96
N LYS A 35 6.15 -21.98 -11.59
CA LYS A 35 4.75 -21.70 -11.97
C LYS A 35 3.79 -22.35 -10.97
N SER A 36 2.65 -21.70 -10.74
CA SER A 36 1.63 -22.24 -9.85
C SER A 36 1.01 -23.52 -10.43
N GLY A 37 0.74 -24.49 -9.58
CA GLY A 37 0.18 -25.77 -10.01
C GLY A 37 -1.29 -25.68 -10.39
N LYS A 38 -1.86 -26.83 -10.78
CA LYS A 38 -3.24 -26.88 -11.23
C LYS A 38 -4.22 -26.84 -10.05
N ASP A 39 -3.71 -27.04 -8.84
CA ASP A 39 -4.53 -26.93 -7.64
C ASP A 39 -4.62 -25.46 -7.22
N ALA A 40 -3.65 -24.66 -7.67
CA ALA A 40 -3.54 -23.26 -7.25
C ALA A 40 -4.83 -22.46 -7.44
N ASP A 41 -5.08 -21.55 -6.52
CA ASP A 41 -6.21 -20.64 -6.60
C ASP A 41 -5.91 -19.50 -7.59
N TYR A 42 -4.64 -19.12 -7.68
CA TYR A 42 -4.22 -18.02 -8.54
C TYR A 42 -3.08 -18.42 -9.46
N GLU A 43 -3.12 -17.94 -10.70
CA GLU A 43 -2.07 -18.21 -11.66
C GLU A 43 -0.95 -17.20 -11.49
N VAL A 44 0.15 -17.66 -10.91
CA VAL A 44 1.25 -16.77 -10.52
C VAL A 44 2.60 -17.42 -10.82
N TYR A 45 3.58 -16.60 -11.22
CA TYR A 45 4.98 -17.04 -11.31
C TYR A 45 5.75 -16.65 -10.05
N SER A 46 6.24 -17.65 -9.32
CA SER A 46 7.04 -17.40 -8.12
C SER A 46 8.53 -17.37 -8.47
N LEU A 47 9.15 -16.21 -8.28
CA LEU A 47 10.55 -16.04 -8.64
C LEU A 47 11.43 -15.98 -7.40
N THR A 48 12.61 -16.57 -7.49
CA THR A 48 13.63 -16.46 -6.46
C THR A 48 14.90 -15.90 -7.10
N ILE A 49 15.12 -14.60 -6.92
CA ILE A 49 16.27 -13.92 -7.52
C ILE A 49 17.45 -13.90 -6.55
N THR A 50 18.60 -14.38 -7.01
CA THR A 50 19.76 -14.50 -6.14
C THR A 50 20.90 -13.58 -6.58
N ASP A 51 21.37 -12.74 -5.66
CA ASP A 51 22.61 -12.00 -5.88
C ASP A 51 23.73 -13.03 -5.93
N PRO A 52 24.68 -12.88 -6.87
CA PRO A 52 25.89 -13.71 -6.79
C PRO A 52 26.91 -13.18 -5.79
N LYS A 53 27.08 -11.86 -5.72
CA LYS A 53 28.08 -11.22 -4.84
C LYS A 53 27.91 -11.66 -3.39
N THR A 54 26.82 -11.23 -2.78
CA THR A 54 26.35 -11.87 -1.56
C THR A 54 25.37 -12.91 -2.06
N ASN A 55 24.89 -13.82 -1.23
CA ASN A 55 23.85 -14.73 -1.69
C ASN A 55 22.49 -14.33 -1.12
N GLN A 56 22.24 -13.03 -1.09
CA GLN A 56 20.94 -12.47 -0.74
C GLN A 56 19.86 -12.91 -1.73
N GLU A 57 18.72 -13.35 -1.21
CA GLU A 57 17.65 -13.81 -2.08
C GLU A 57 16.44 -12.88 -2.02
N THR A 58 15.81 -12.71 -3.18
CA THR A 58 14.62 -11.90 -3.32
C THR A 58 13.51 -12.75 -3.93
N TYR A 59 12.31 -12.64 -3.36
CA TYR A 59 11.18 -13.42 -3.82
C TYR A 59 10.16 -12.49 -4.44
N MET A 60 9.70 -12.84 -5.64
CA MET A 60 8.78 -11.99 -6.35
C MET A 60 7.69 -12.80 -7.02
N ASP A 61 6.46 -12.34 -6.87
CA ASP A 61 5.35 -12.98 -7.53
C ASP A 61 4.76 -12.05 -8.58
N ILE A 62 4.48 -12.62 -9.75
CA ILE A 62 3.90 -11.89 -10.85
C ILE A 62 2.73 -12.69 -11.40
N THR A 63 1.70 -12.00 -11.84
CA THR A 63 0.51 -12.66 -12.33
C THR A 63 0.81 -13.32 -13.68
N GLN A 64 0.43 -14.59 -13.81
CA GLN A 64 0.61 -15.29 -15.07
C GLN A 64 -0.13 -14.53 -16.17
N LYS A 65 -1.27 -13.95 -15.80
CA LYS A 65 -2.02 -13.10 -16.69
C LYS A 65 -1.61 -11.63 -16.55
N GLY A 66 -1.21 -11.04 -17.67
CA GLY A 66 -0.89 -9.62 -17.70
C GLY A 66 0.43 -9.19 -17.08
N GLY A 67 1.12 -10.11 -16.44
CA GLY A 67 2.43 -9.83 -15.84
C GLY A 67 2.47 -8.65 -14.89
N TYR A 68 1.58 -8.65 -13.90
CA TYR A 68 1.49 -7.58 -12.91
C TYR A 68 2.40 -7.85 -11.72
N PRO A 69 3.16 -6.83 -11.30
CA PRO A 69 3.94 -7.01 -10.07
C PRO A 69 2.97 -7.17 -8.93
N LEU A 70 2.94 -8.36 -8.34
CA LEU A 70 1.96 -8.65 -7.30
C LEU A 70 2.55 -8.51 -5.88
N TRP A 71 3.72 -9.10 -5.66
CA TRP A 71 4.32 -9.19 -4.33
C TRP A 71 5.83 -9.33 -4.44
N VAL A 72 6.55 -8.70 -3.52
CA VAL A 72 8.02 -8.74 -3.48
C VAL A 72 8.52 -8.80 -2.05
N LEU A 73 9.57 -9.59 -1.84
CA LEU A 73 10.29 -9.49 -0.58
C LEU A 73 11.76 -9.75 -0.79
N GLU A 74 12.58 -8.77 -0.43
CA GLU A 74 14.03 -8.94 -0.39
C GLU A 74 14.38 -9.29 1.04
N ASP A 75 14.80 -10.53 1.27
CA ASP A 75 15.03 -11.02 2.63
C ASP A 75 16.39 -10.57 3.15
N ARG A 76 16.43 -9.34 3.65
CA ARG A 76 17.66 -8.64 3.96
C ARG A 76 17.49 -7.77 5.21
N ASP A 77 18.42 -7.89 6.14
CA ASP A 77 18.40 -7.06 7.35
C ASP A 77 19.21 -5.79 7.16
N ILE A 78 18.65 -4.65 7.54
CA ILE A 78 19.23 -3.33 7.27
C ILE A 78 20.09 -2.84 8.46
N LYS A 79 21.38 -2.59 8.22
CA LYS A 79 22.31 -2.36 9.33
C LYS A 79 22.37 -0.92 9.80
N LYS A 80 21.99 0.04 8.97
CA LYS A 80 22.24 1.44 9.27
C LYS A 80 21.13 2.32 8.74
N GLN A 81 20.69 3.30 9.52
CA GLN A 81 19.77 4.32 9.01
C GLN A 81 20.53 5.55 8.55
N ASN A 82 20.49 5.82 7.25
CA ASN A 82 21.10 6.99 6.64
C ASN A 82 20.09 8.07 6.25
N ILE A 83 18.84 7.69 6.05
CA ILE A 83 17.84 8.67 5.63
C ILE A 83 16.67 8.73 6.60
N SER A 84 15.99 9.87 6.63
CA SER A 84 14.83 10.00 7.52
C SER A 84 13.65 9.17 7.03
N LEU A 85 12.69 8.93 7.94
CA LEU A 85 11.44 8.28 7.57
C LEU A 85 10.74 9.12 6.53
N ASN A 86 10.80 10.44 6.70
CA ASN A 86 10.18 11.35 5.75
C ASN A 86 10.78 11.22 4.35
N ASP A 87 12.10 11.12 4.27
CA ASP A 87 12.77 10.89 3.00
C ASP A 87 12.36 9.56 2.38
N ALA A 88 12.20 8.55 3.22
CA ALA A 88 11.81 7.23 2.73
C ALA A 88 10.40 7.31 2.16
N MET A 89 9.54 8.06 2.83
N MET A 89 9.54 8.06 2.84
CA MET A 89 8.15 8.25 2.41
CA MET A 89 8.14 8.29 2.42
C MET A 89 8.11 8.80 0.99
C MET A 89 8.11 8.82 1.00
N ASN A 90 8.96 9.81 0.74
CA ASN A 90 9.01 10.45 -0.57
C ASN A 90 9.49 9.51 -1.67
N LYS A 91 10.50 8.72 -1.35
CA LYS A 91 11.04 7.72 -2.26
C LYS A 91 10.03 6.63 -2.61
N ALA A 92 9.25 6.25 -1.61
CA ALA A 92 8.17 5.27 -1.81
C ALA A 92 7.13 5.84 -2.76
N THR A 93 6.73 7.08 -2.51
CA THR A 93 5.73 7.73 -3.36
C THR A 93 6.23 7.81 -4.81
N LYS A 94 7.51 8.18 -4.98
CA LYS A 94 8.08 8.32 -6.33
C LYS A 94 8.15 6.98 -7.05
N PHE A 95 8.53 5.96 -6.30
CA PHE A 95 8.65 4.61 -6.85
C PHE A 95 7.31 4.17 -7.46
N LEU A 96 6.23 4.35 -6.71
CA LEU A 96 4.90 3.95 -7.18
C LEU A 96 4.55 4.65 -8.49
N LYS A 97 4.73 5.97 -8.51
CA LYS A 97 4.42 6.74 -9.69
C LYS A 97 5.30 6.34 -10.88
N ASP A 98 6.57 6.03 -10.60
CA ASP A 98 7.48 5.60 -11.66
C ASP A 98 7.14 4.22 -12.22
N HIS A 99 6.38 3.43 -11.48
CA HIS A 99 6.11 2.05 -11.91
C HIS A 99 4.63 1.79 -12.17
N ARG A 100 3.92 2.82 -12.64
CA ARG A 100 2.54 2.71 -13.13
C ARG A 100 1.48 2.46 -12.05
N PHE A 101 1.83 2.73 -10.80
CA PHE A 101 0.85 2.70 -9.73
C PHE A 101 0.45 4.12 -9.43
N GLU A 102 -0.57 4.59 -10.14
CA GLU A 102 -1.03 5.97 -10.04
C GLU A 102 -2.31 6.03 -9.19
N SER A 103 -2.61 7.23 -8.70
CA SER A 103 -3.82 7.53 -7.94
C SER A 103 -3.84 6.83 -6.57
N LEU A 104 -2.66 6.71 -5.97
CA LEU A 104 -2.54 6.22 -4.58
C LEU A 104 -2.21 7.38 -3.66
N VAL A 105 -2.62 7.30 -2.39
CA VAL A 105 -2.21 8.30 -1.42
C VAL A 105 -1.76 7.57 -0.15
N MET A 106 -0.81 8.13 0.59
CA MET A 106 -0.26 7.40 1.75
C MET A 106 -1.28 7.39 2.89
N ALA A 107 -1.44 6.23 3.53
CA ALA A 107 -2.35 6.09 4.65
C ALA A 107 -1.65 5.79 5.97
N GLU A 108 -0.54 5.05 5.93
CA GLU A 108 0.15 4.66 7.15
C GLU A 108 1.63 4.72 6.92
N SER A 109 2.37 5.05 7.97
CA SER A 109 3.83 5.03 7.90
C SER A 109 4.40 4.72 9.27
N ALA A 110 5.44 3.91 9.30
CA ALA A 110 6.07 3.55 10.56
C ALA A 110 7.51 3.19 10.28
N GLN A 111 8.32 3.31 11.32
CA GLN A 111 9.71 2.90 11.23
C GLN A 111 9.91 1.66 12.12
N TYR A 112 10.50 0.62 11.55
CA TYR A 112 10.65 -0.69 12.17
C TYR A 112 11.97 -1.34 11.74
N ASP A 113 12.91 -1.52 12.66
CA ASP A 113 14.13 -2.27 12.35
C ASP A 113 14.89 -1.70 11.12
N ASN A 114 15.17 -0.39 11.16
CA ASN A 114 15.83 0.32 10.05
C ASN A 114 15.11 0.23 8.70
N MET A 115 13.80 0.00 8.75
CA MET A 115 12.98 0.02 7.53
C MET A 115 11.83 1.01 7.69
N GLY A 116 11.43 1.61 6.57
CA GLY A 116 10.20 2.38 6.55
C GLY A 116 9.11 1.46 6.01
N VAL A 117 7.99 1.43 6.72
CA VAL A 117 6.86 0.60 6.34
C VAL A 117 5.70 1.54 6.02
N PHE A 118 5.15 1.39 4.81
CA PHE A 118 4.13 2.31 4.34
C PHE A 118 2.93 1.59 3.76
N THR A 119 1.75 2.15 3.95
N THR A 119 1.73 2.13 3.94
CA THR A 119 0.55 1.67 3.26
CA THR A 119 0.60 1.62 3.17
C THR A 119 -0.04 2.83 2.46
C THR A 119 -0.07 2.79 2.48
N PHE A 120 -0.37 2.59 1.20
CA PHE A 120 -0.98 3.58 0.32
C PHE A 120 -2.35 3.05 -0.04
N VAL A 121 -3.32 3.93 -0.32
CA VAL A 121 -4.64 3.47 -0.73
C VAL A 121 -5.12 4.19 -1.98
N GLU A 122 -6.03 3.54 -2.70
CA GLU A 122 -6.56 4.08 -3.93
C GLU A 122 -7.40 5.31 -3.67
N GLN A 123 -7.28 6.29 -4.56
CA GLN A 123 -8.11 7.47 -4.53
C GLN A 123 -8.95 7.51 -5.81
N THR A 124 -10.27 7.64 -5.69
CA THR A 124 -11.16 7.70 -6.87
C THR A 124 -10.99 9.04 -7.60
N GLU A 125 -11.69 9.17 -8.73
CA GLU A 125 -11.63 10.36 -9.58
C GLU A 125 -11.89 11.63 -8.77
N SER A 126 -12.88 11.56 -7.87
CA SER A 126 -13.27 12.72 -7.07
C SER A 126 -12.56 12.78 -5.71
N GLY A 127 -11.64 11.85 -5.43
CA GLY A 127 -10.80 11.99 -4.27
C GLY A 127 -11.23 11.13 -3.09
N VAL A 128 -12.23 10.28 -3.29
CA VAL A 128 -12.63 9.37 -2.20
C VAL A 128 -11.53 8.31 -1.95
N ARG A 129 -11.12 8.12 -0.70
CA ARG A 129 -10.04 7.17 -0.36
C ARG A 129 -10.62 5.77 -0.13
N ILE A 130 -10.17 4.81 -0.92
CA ILE A 130 -10.71 3.45 -0.83
C ILE A 130 -9.72 2.60 -0.05
N TYR A 131 -9.89 2.58 1.26
CA TYR A 131 -8.92 1.89 2.12
C TYR A 131 -8.74 0.38 1.86
N PRO A 132 -9.78 -0.35 1.44
CA PRO A 132 -9.57 -1.77 1.08
C PRO A 132 -8.59 -1.99 -0.08
N ASP A 133 -8.49 -1.02 -0.98
CA ASP A 133 -7.69 -1.14 -2.18
C ASP A 133 -6.28 -0.59 -1.94
N SER A 134 -5.45 -1.40 -1.29
CA SER A 134 -4.21 -0.88 -0.72
C SER A 134 -2.93 -1.53 -1.30
N VAL A 135 -1.86 -0.76 -1.18
CA VAL A 135 -0.53 -1.21 -1.60
C VAL A 135 0.40 -1.02 -0.41
N LYS A 136 1.19 -2.04 -0.09
CA LYS A 136 2.06 -1.99 1.07
C LYS A 136 3.51 -1.96 0.59
N MET A 137 4.33 -1.15 1.24
CA MET A 137 5.72 -1.00 0.82
C MET A 137 6.63 -1.00 2.03
N LYS A 138 7.83 -1.56 1.86
CA LYS A 138 8.87 -1.53 2.87
C LYS A 138 10.13 -1.03 2.19
N MET A 139 10.76 -0.02 2.80
N MET A 139 10.79 -0.07 2.81
CA MET A 139 11.93 0.63 2.23
CA MET A 139 11.94 0.57 2.20
C MET A 139 13.12 0.46 3.14
C MET A 139 13.15 0.60 3.12
N SER A 140 14.31 0.30 2.57
CA SER A 140 15.54 0.33 3.36
C SER A 140 15.84 1.75 3.78
N LEU A 141 16.05 1.99 5.06
CA LEU A 141 16.51 3.32 5.47
C LEU A 141 18.02 3.53 5.30
N GLU A 142 18.74 2.53 4.78
CA GLU A 142 20.18 2.68 4.52
C GLU A 142 20.41 3.38 3.20
N ASP A 143 19.57 3.07 2.22
CA ASP A 143 19.75 3.61 0.86
C ASP A 143 18.47 4.00 0.14
N GLY A 144 17.31 3.82 0.78
CA GLY A 144 16.07 4.23 0.17
C GLY A 144 15.53 3.22 -0.83
N SER A 145 16.17 2.05 -0.92
CA SER A 145 15.72 1.02 -1.84
C SER A 145 14.47 0.31 -1.34
N VAL A 146 13.68 -0.19 -2.30
CA VAL A 146 12.53 -1.02 -1.99
C VAL A 146 12.99 -2.40 -1.53
N ILE A 147 12.46 -2.88 -0.41
CA ILE A 147 12.77 -4.23 0.03
C ILE A 147 11.53 -5.11 0.24
N GLY A 148 10.35 -4.49 0.18
CA GLY A 148 9.13 -5.26 0.26
C GLY A 148 8.04 -4.50 -0.48
N PHE A 149 7.11 -5.24 -1.07
CA PHE A 149 6.01 -4.66 -1.87
C PHE A 149 4.84 -5.64 -1.92
N SER A 150 3.61 -5.14 -1.77
CA SER A 150 2.47 -5.98 -1.98
C SER A 150 1.32 -5.19 -2.56
N ALA A 151 0.91 -5.55 -3.76
CA ALA A 151 -0.27 -4.90 -4.35
C ALA A 151 -1.43 -5.86 -4.42
N LYS A 152 -1.45 -6.86 -3.55
CA LYS A 152 -2.45 -7.91 -3.62
C LYS A 152 -3.85 -7.33 -3.38
N ASP A 153 -4.00 -6.49 -2.36
CA ASP A 153 -5.28 -5.87 -2.05
C ASP A 153 -5.73 -4.96 -3.18
N PHE A 154 -4.83 -4.11 -3.66
CA PHE A 154 -5.14 -3.16 -4.71
C PHE A 154 -5.55 -3.83 -6.01
N LEU A 155 -4.83 -4.86 -6.41
CA LEU A 155 -5.05 -5.47 -7.72
C LEU A 155 -6.23 -6.43 -7.73
N LEU A 156 -6.54 -7.03 -6.58
CA LEU A 156 -7.56 -8.07 -6.54
C LEU A 156 -8.89 -7.61 -5.91
N LYS A 157 -8.80 -6.79 -4.87
CA LYS A 157 -10.01 -6.25 -4.24
C LYS A 157 -10.60 -5.11 -5.03
N HIS A 158 -9.85 -4.61 -6.01
CA HIS A 158 -10.33 -3.47 -6.77
C HIS A 158 -11.51 -3.84 -7.64
N ARG A 159 -12.45 -2.91 -7.73
CA ARG A 159 -13.61 -3.03 -8.59
C ARG A 159 -14.19 -1.65 -8.81
N THR A 160 -14.87 -1.44 -9.94
CA THR A 160 -15.57 -0.20 -10.14
C THR A 160 -16.80 -0.18 -9.22
N ARG A 161 -16.82 0.81 -8.34
CA ARG A 161 -17.89 0.96 -7.38
C ARG A 161 -18.72 2.18 -7.77
N ASP A 162 -20.01 2.18 -7.50
CA ASP A 162 -20.75 3.43 -7.61
C ASP A 162 -21.04 3.88 -6.19
N ILE A 163 -20.32 4.89 -5.74
CA ILE A 163 -20.33 5.35 -4.37
C ILE A 163 -21.55 6.22 -4.07
N PRO A 164 -22.28 5.90 -2.98
CA PRO A 164 -23.53 6.59 -2.65
C PRO A 164 -23.28 8.00 -2.14
N LYS A 165 -24.33 8.82 -2.13
CA LYS A 165 -24.27 10.15 -1.58
C LYS A 165 -24.39 10.08 -0.06
N PRO A 166 -23.63 10.92 0.65
CA PRO A 166 -23.82 10.95 2.11
C PRO A 166 -25.21 11.40 2.46
N LYS A 167 -25.73 10.91 3.58
CA LYS A 167 -27.01 11.38 4.11
C LYS A 167 -26.82 12.54 5.12
N ILE A 168 -25.60 12.73 5.61
CA ILE A 168 -25.31 13.87 6.47
C ILE A 168 -24.18 14.69 5.85
N SER A 169 -24.13 15.98 6.18
CA SER A 169 -23.13 16.88 5.62
C SER A 169 -21.78 16.74 6.34
N LYS A 170 -20.71 17.27 5.75
CA LYS A 170 -19.41 17.18 6.43
C LYS A 170 -19.41 18.00 7.72
N GLU A 171 -20.18 19.09 7.72
CA GLU A 171 -20.33 19.91 8.91
C GLU A 171 -21.02 19.13 10.03
N GLN A 172 -22.09 18.42 9.67
CA GLN A 172 -22.80 17.59 10.64
C GLN A 172 -21.90 16.46 11.15
N ALA A 173 -21.18 15.81 10.24
CA ALA A 173 -20.21 14.77 10.61
C ALA A 173 -19.21 15.27 11.63
N LYS A 174 -18.69 16.46 11.41
CA LYS A 174 -17.66 17.06 12.27
C LYS A 174 -18.18 17.30 13.67
N THR A 175 -19.47 17.56 13.83
CA THR A 175 -20.00 17.78 15.18
C THR A 175 -20.07 16.46 15.95
N LYS A 176 -19.94 15.36 15.21
CA LYS A 176 -20.02 14.03 15.81
C LYS A 176 -18.70 13.66 16.49
N LEU A 177 -17.65 14.40 16.17
CA LEU A 177 -16.34 14.19 16.80
C LEU A 177 -16.39 14.53 18.28
N ASN A 178 -15.37 14.07 19.00
CA ASN A 178 -15.25 14.44 20.40
C ASN A 178 -14.73 15.86 20.50
N SER A 179 -15.14 16.55 21.57
CA SER A 179 -14.87 17.98 21.73
C SER A 179 -13.37 18.31 21.73
N ASN A 180 -12.54 17.35 22.11
CA ASN A 180 -11.11 17.59 22.26
C ASN A 180 -10.32 17.44 20.95
N VAL A 181 -10.98 16.97 19.90
CA VAL A 181 -10.29 16.76 18.62
C VAL A 181 -9.99 18.07 17.89
N LYS A 182 -8.74 18.24 17.47
CA LYS A 182 -8.38 19.42 16.67
C LYS A 182 -8.19 19.00 15.22
N VAL A 183 -9.21 19.21 14.39
CA VAL A 183 -9.18 18.71 13.02
C VAL A 183 -8.17 19.44 12.17
N MET A 184 -7.43 18.70 11.36
CA MET A 184 -6.49 19.31 10.42
C MET A 184 -6.90 19.01 8.98
N GLU A 185 -7.65 17.94 8.78
CA GLU A 185 -8.02 17.52 7.42
C GLU A 185 -9.29 16.66 7.42
N GLU A 186 -10.09 16.79 6.38
CA GLU A 186 -11.28 15.94 6.21
C GLU A 186 -11.45 15.52 4.75
N ARG A 187 -11.75 14.24 4.53
CA ARG A 187 -12.03 13.70 3.20
C ARG A 187 -13.12 12.64 3.27
N LEU A 188 -13.71 12.25 2.14
CA LEU A 188 -14.58 11.07 2.13
C LEU A 188 -13.77 9.79 1.94
N ALA A 189 -14.24 8.68 2.50
CA ALA A 189 -13.46 7.44 2.45
C ALA A 189 -14.39 6.24 2.54
N ILE A 190 -13.97 5.14 1.92
CA ILE A 190 -14.64 3.86 2.05
C ILE A 190 -13.76 2.95 2.90
N ILE A 191 -14.33 2.37 3.96
CA ILE A 191 -13.64 1.37 4.74
C ILE A 191 -14.61 0.24 4.97
N THR A 192 -14.12 -0.85 5.56
CA THR A 192 -15.05 -1.83 6.11
C THR A 192 -15.48 -1.39 7.51
N ASN A 193 -16.68 -1.78 7.92
CA ASN A 193 -17.06 -1.64 9.32
C ASN A 193 -16.49 -2.83 10.05
N ASP A 194 -16.83 -3.00 11.32
CA ASP A 194 -16.23 -4.10 12.09
C ASP A 194 -16.61 -5.48 11.52
N LEU A 195 -17.58 -5.51 10.62
CA LEU A 195 -18.09 -6.78 10.10
C LEU A 195 -17.79 -7.00 8.61
N ASN A 196 -16.73 -6.36 8.11
CA ASN A 196 -16.22 -6.58 6.76
C ASN A 196 -17.18 -6.20 5.61
N GLU A 197 -17.98 -5.16 5.81
CA GLU A 197 -18.77 -4.62 4.71
C GLU A 197 -18.40 -3.17 4.43
N GLU A 198 -18.35 -2.79 3.16
CA GLU A 198 -17.92 -1.44 2.78
C GLU A 198 -18.95 -0.37 3.16
N VAL A 199 -18.45 0.66 3.83
CA VAL A 199 -19.25 1.76 4.34
C VAL A 199 -18.63 3.10 3.96
N LEU A 200 -19.46 4.05 3.52
CA LEU A 200 -18.94 5.40 3.22
C LEU A 200 -18.84 6.23 4.49
N CYS A 201 -17.69 6.86 4.70
CA CYS A 201 -17.42 7.67 5.91
C CYS A 201 -16.80 9.01 5.60
N TYR A 202 -16.99 9.98 6.49
CA TYR A 202 -16.10 11.15 6.49
C TYR A 202 -14.89 10.78 7.33
N GLU A 203 -13.70 10.97 6.77
CA GLU A 203 -12.46 10.68 7.47
C GLU A 203 -11.87 11.99 7.99
N PHE A 204 -11.54 12.04 9.27
CA PHE A 204 -10.92 13.22 9.86
C PHE A 204 -9.52 12.89 10.36
N LEU A 205 -8.56 13.74 10.01
CA LEU A 205 -7.21 13.63 10.54
C LEU A 205 -7.03 14.79 11.51
N GLY A 206 -6.65 14.50 12.75
CA GLY A 206 -6.53 15.54 13.75
C GLY A 206 -5.65 15.14 14.91
N THR A 207 -5.56 16.01 15.90
CA THR A 207 -4.75 15.70 17.08
C THR A 207 -5.61 15.72 18.32
N ILE A 208 -5.42 14.71 19.17
CA ILE A 208 -6.04 14.69 20.48
C ILE A 208 -4.90 14.74 21.48
N LYS A 209 -4.71 15.89 22.12
CA LYS A 209 -3.64 16.09 23.09
C LYS A 209 -2.29 15.61 22.55
N ASN A 210 -1.84 16.22 21.47
CA ASN A 210 -0.51 16.02 20.85
C ASN A 210 -0.35 14.71 20.07
N ASP A 211 -1.21 13.73 20.32
CA ASP A 211 -1.19 12.49 19.54
C ASP A 211 -2.03 12.69 18.29
N THR A 212 -1.59 12.13 17.17
CA THR A 212 -2.35 12.21 15.93
C THR A 212 -3.28 11.02 15.72
N TYR A 213 -4.53 11.31 15.37
CA TYR A 213 -5.56 10.30 15.17
C TYR A 213 -6.25 10.42 13.83
N ARG A 214 -6.62 9.28 13.25
CA ARG A 214 -7.57 9.27 12.15
C ARG A 214 -8.89 8.74 12.69
N ILE A 215 -9.95 9.49 12.45
CA ILE A 215 -11.30 9.12 12.91
C ILE A 215 -12.26 9.03 11.74
N PHE A 216 -12.97 7.91 11.65
CA PHE A 216 -13.96 7.72 10.59
C PHE A 216 -15.38 7.85 11.14
N ILE A 217 -16.17 8.74 10.55
CA ILE A 217 -17.57 8.96 10.95
C ILE A 217 -18.50 8.49 9.82
N ASN A 218 -19.42 7.57 10.12
CA ASN A 218 -20.34 7.02 9.13
C ASN A 218 -21.11 8.16 8.42
N ALA A 219 -21.11 8.18 7.09
CA ALA A 219 -21.68 9.32 6.32
C ALA A 219 -23.20 9.26 6.23
N ASP A 220 -23.81 8.20 6.77
CA ASP A 220 -25.28 8.09 6.82
C ASP A 220 -25.82 8.31 8.21
N THR A 221 -25.14 7.76 9.22
CA THR A 221 -25.64 7.82 10.60
C THR A 221 -24.94 8.86 11.48
N GLY A 222 -23.71 9.23 11.12
CA GLY A 222 -22.90 10.03 12.00
C GLY A 222 -22.22 9.28 13.16
N PHE A 223 -22.31 7.95 13.18
CA PHE A 223 -21.70 7.18 14.27
C PHE A 223 -20.23 6.89 13.93
N GLU A 224 -19.41 6.68 14.95
CA GLU A 224 -18.03 6.26 14.66
C GLU A 224 -17.96 4.89 13.99
N GLU A 225 -17.02 4.71 13.07
CA GLU A 225 -16.76 3.40 12.49
C GLU A 225 -15.35 2.89 12.76
N LYS A 226 -14.45 3.83 13.02
CA LYS A 226 -13.05 3.45 13.29
C LYS A 226 -12.33 4.65 13.87
N VAL A 227 -11.52 4.36 14.88
CA VAL A 227 -10.63 5.34 15.47
C VAL A 227 -9.22 4.77 15.56
N GLU A 228 -8.26 5.50 15.04
CA GLU A 228 -6.92 4.95 14.92
C GLU A 228 -5.82 5.96 15.30
N LYS A 229 -5.00 5.62 16.28
CA LYS A 229 -3.81 6.44 16.54
C LYS A 229 -2.75 6.28 15.44
N LEU A 230 -2.20 7.41 14.99
CA LEU A 230 -1.08 7.33 14.05
C LEU A 230 0.24 7.63 14.77
N GLN A 231 1.35 7.15 14.22
CA GLN A 231 2.64 7.37 14.87
C GLN A 231 3.42 8.52 14.25
N ASN A 232 4.36 9.07 15.02
CA ASN A 232 5.33 10.05 14.54
C ASN A 232 6.33 10.38 15.64
S SO4 B . -16.21 8.98 -8.06
O1 SO4 B . -16.06 7.56 -8.41
O2 SO4 B . -15.63 9.21 -6.75
O3 SO4 B . -15.53 9.79 -9.07
O4 SO4 B . -17.62 9.33 -8.02
S SO4 C . -6.46 15.86 -2.69
O1 SO4 C . -6.49 14.52 -3.26
O2 SO4 C . -6.06 15.79 -1.28
O3 SO4 C . -7.77 16.50 -2.80
O4 SO4 C . -5.47 16.67 -3.41
#